data_8T2A
#
_entry.id   8T2A
#
_cell.length_a   77.368
_cell.length_b   80.155
_cell.length_c   323.018
_cell.angle_alpha   90.000
_cell.angle_beta   90.000
_cell.angle_gamma   90.000
#
_symmetry.space_group_name_H-M   'I 2 2 2'
#
loop_
_entity.id
_entity.type
_entity.pdbx_description
1 polymer 'RNA (90-MER)'
2 polymer 'BL3-6 Fab heavy chain'
3 polymer 'BL3-6 Fab light chain'
#
loop_
_entity_poly.entity_id
_entity_poly.type
_entity_poly.pdbx_seq_one_letter_code
_entity_poly.pdbx_strand_id
1 'polyribonucleotide'
;GGUUGCUCGACUGUGAGAGGACCUACCCACUGUGGAAACACCACAGGAACUUCCAACCUUCGGGUGGCGAGGUAGGGCAG
AAGAGUGACC
;
R
2 'polypeptide(L)'
;EISEVQLVESGGGLVQPGGSLRLSCAASGFYISYSSIHWVRQAPGKGLEWVASISPYSGSTYYADSVKGRFTISADTSKN
TAYLQMNSLRAEDTAVYYCARQGYRRRSGRGFDYWGQGTLVTVSSASTKGPSVFPLAPSSKSTSGGTAALGCLVKDYFPE
PVTVSWNSGALTSGVHTFPAVLQSSGLYSLSSVVTVPSSSLGTQTYICNVNHKPSNTKVDKKVEPKSCDKTHT
;
A
3 'polypeptide(L)'
;SDIQMTQSPSSLSASVGDRVTITCRASQSVSSAVAWYQQKPGKAPKLLIYSASSLYSGVPSRFSGSRSGTDFTLTISSLQ
PEDFATYYCQQSYSFPSTFGQGTKVEIKRTVAAPSVFIFPPSDEQLKSGTASVVCLLNNFYPREAKVQWKVDNALQSGNS
QESVTEQDSKDSTYSLSSTLTLSKADYEKHKVYACEVTHQGLSSPVTKSFNRGEC
;
B
#
loop_
_chem_comp.id
_chem_comp.type
_chem_comp.name
_chem_comp.formula
A RNA linking ADENOSINE-5'-MONOPHOSPHATE 'C10 H14 N5 O7 P'
C RNA linking CYTIDINE-5'-MONOPHOSPHATE 'C9 H14 N3 O8 P'
G RNA linking GUANOSINE-5'-MONOPHOSPHATE 'C10 H14 N5 O8 P'
U RNA linking URIDINE-5'-MONOPHOSPHATE 'C9 H13 N2 O9 P'
#
# COMPACT_ATOMS: atom_id res chain seq x y z
N SER B 3 -23.83 1.22 11.03
CA SER B 3 -24.65 1.00 9.85
C SER B 3 -24.26 -0.31 9.14
N GLU B 4 -25.16 -0.82 8.30
CA GLU B 4 -24.88 -2.01 7.50
C GLU B 4 -24.37 -1.67 6.11
N VAL B 5 -24.17 -0.39 5.80
CA VAL B 5 -23.89 0.06 4.44
C VAL B 5 -22.53 -0.48 4.03
N GLN B 6 -22.52 -1.36 3.02
CA GLN B 6 -21.27 -2.00 2.63
C GLN B 6 -21.26 -2.21 1.12
N LEU B 7 -20.04 -2.36 0.60
CA LEU B 7 -19.72 -2.53 -0.82
C LEU B 7 -18.59 -3.52 -0.98
N VAL B 8 -18.80 -4.50 -1.84
CA VAL B 8 -17.96 -5.69 -1.92
C VAL B 8 -17.62 -5.89 -3.39
N GLU B 9 -16.38 -5.62 -3.77
CA GLU B 9 -15.98 -5.86 -5.15
C GLU B 9 -15.54 -7.30 -5.30
N SER B 10 -15.55 -7.78 -6.54
CA SER B 10 -15.15 -9.15 -6.86
C SER B 10 -15.07 -9.39 -8.37
N GLY B 11 -14.26 -10.36 -8.75
CA GLY B 11 -14.03 -10.62 -10.15
C GLY B 11 -12.77 -10.04 -10.75
N GLY B 12 -11.82 -9.57 -9.93
CA GLY B 12 -10.54 -9.12 -10.42
C GLY B 12 -9.48 -10.21 -10.36
N GLY B 13 -8.31 -9.88 -10.89
CA GLY B 13 -7.17 -10.76 -10.76
C GLY B 13 -6.28 -10.67 -11.99
N LEU B 14 -5.43 -11.70 -12.15
CA LEU B 14 -4.49 -11.73 -13.26
C LEU B 14 -5.29 -11.96 -14.54
N VAL B 15 -4.97 -11.19 -15.58
CA VAL B 15 -5.69 -11.27 -16.85
C VAL B 15 -4.71 -10.96 -17.96
N GLN B 16 -4.75 -11.75 -19.03
CA GLN B 16 -3.81 -11.53 -20.12
C GLN B 16 -4.18 -10.23 -20.83
N PRO B 17 -3.20 -9.58 -21.46
CA PRO B 17 -3.53 -8.43 -22.29
C PRO B 17 -4.52 -8.84 -23.35
N GLY B 18 -5.37 -7.90 -23.75
CA GLY B 18 -6.37 -8.14 -24.76
C GLY B 18 -7.61 -8.84 -24.24
N GLY B 19 -7.57 -9.32 -23.00
CA GLY B 19 -8.65 -10.12 -22.48
C GLY B 19 -9.68 -9.29 -21.76
N SER B 20 -10.65 -9.99 -21.17
CA SER B 20 -11.82 -9.39 -20.58
C SER B 20 -12.00 -9.87 -19.15
N LEU B 21 -12.62 -9.01 -18.35
CA LEU B 21 -13.09 -9.32 -17.01
C LEU B 21 -14.43 -8.67 -16.79
N ARG B 22 -15.13 -9.13 -15.77
CA ARG B 22 -16.33 -8.43 -15.33
C ARG B 22 -16.29 -8.28 -13.81
N LEU B 23 -16.04 -7.07 -13.34
CA LEU B 23 -16.03 -6.77 -11.90
C LEU B 23 -17.46 -6.63 -11.37
N SER B 24 -17.72 -7.17 -10.19
CA SER B 24 -19.04 -7.09 -9.59
C SER B 24 -18.95 -6.23 -8.34
N CYS B 25 -20.05 -5.57 -7.96
CA CYS B 25 -20.04 -4.83 -6.70
C CYS B 25 -21.35 -5.07 -5.95
N ALA B 26 -21.22 -5.65 -4.76
CA ALA B 26 -22.32 -6.19 -4.00
C ALA B 26 -22.72 -5.28 -2.85
N ALA B 27 -23.90 -4.70 -2.94
CA ALA B 27 -24.34 -3.66 -2.03
C ALA B 27 -25.14 -4.23 -0.86
N SER B 28 -24.84 -3.78 0.37
CA SER B 28 -25.40 -4.41 1.57
C SER B 28 -26.34 -3.50 2.36
N GLY B 29 -25.95 -2.30 2.75
CA GLY B 29 -26.74 -1.64 3.78
C GLY B 29 -27.84 -0.70 3.29
N PHE B 30 -28.11 -0.70 2.00
CA PHE B 30 -28.86 0.33 1.30
C PHE B 30 -29.23 -0.28 -0.05
N TYR B 31 -30.26 0.26 -0.71
CA TYR B 31 -30.55 -0.18 -2.07
C TYR B 31 -29.95 0.79 -3.09
N ILE B 32 -29.29 0.21 -4.10
CA ILE B 32 -28.52 1.02 -5.04
C ILE B 32 -29.39 1.74 -6.05
N SER B 33 -30.66 1.43 -6.06
CA SER B 33 -31.55 1.98 -7.05
C SER B 33 -31.83 3.45 -6.81
N TYR B 34 -31.61 3.94 -5.58
CA TYR B 34 -31.84 5.33 -5.22
C TYR B 34 -30.57 6.19 -5.27
N SER B 35 -29.43 5.59 -5.55
CA SER B 35 -28.16 6.29 -5.54
C SER B 35 -27.52 6.16 -6.91
N SER B 36 -26.55 7.04 -7.14
CA SER B 36 -25.65 6.99 -8.28
C SER B 36 -24.45 6.11 -7.89
N ILE B 37 -23.97 5.25 -8.79
CA ILE B 37 -22.93 4.26 -8.47
C ILE B 37 -21.78 4.41 -9.42
N HIS B 38 -20.53 4.47 -8.87
CA HIS B 38 -19.33 4.87 -9.64
C HIS B 38 -18.18 3.88 -9.41
N TRP B 39 -17.42 3.58 -10.47
CA TRP B 39 -16.16 2.86 -10.33
C TRP B 39 -14.98 3.83 -10.37
N VAL B 40 -14.04 3.64 -9.44
CA VAL B 40 -12.80 4.42 -9.34
C VAL B 40 -11.63 3.45 -9.15
N ARG B 41 -10.60 3.59 -9.97
CA ARG B 41 -9.44 2.72 -9.91
C ARG B 41 -8.23 3.49 -9.40
N GLN B 42 -7.13 2.77 -9.15
CA GLN B 42 -5.91 3.38 -8.57
C GLN B 42 -4.73 2.47 -8.91
N ALA B 43 -3.96 2.83 -9.94
CA ALA B 43 -2.79 2.04 -10.29
C ALA B 43 -1.85 2.01 -9.08
N PRO B 44 -1.00 0.98 -8.98
CA PRO B 44 -0.28 0.77 -7.71
C PRO B 44 0.60 1.97 -7.37
N GLY B 45 0.36 2.56 -6.20
CA GLY B 45 1.12 3.72 -5.75
C GLY B 45 0.96 4.98 -6.58
N LYS B 46 0.06 4.96 -7.53
CA LYS B 46 -0.44 6.12 -8.23
C LYS B 46 -1.70 6.63 -7.52
N GLY B 47 -2.46 7.49 -8.20
CA GLY B 47 -3.60 8.17 -7.61
C GLY B 47 -4.94 7.64 -8.10
N LEU B 48 -6.01 8.31 -7.63
CA LEU B 48 -7.38 7.86 -7.89
C LEU B 48 -7.79 8.30 -9.28
N GLU B 49 -8.32 7.36 -10.07
CA GLU B 49 -8.78 7.69 -11.40
C GLU B 49 -10.24 7.29 -11.56
N TRP B 50 -11.08 8.24 -12.00
CA TRP B 50 -12.51 8.02 -12.15
C TRP B 50 -12.72 7.19 -13.42
N VAL B 51 -13.64 6.21 -13.37
CA VAL B 51 -13.79 5.24 -14.47
C VAL B 51 -15.13 5.25 -15.19
N ALA B 52 -16.21 5.06 -14.45
CA ALA B 52 -17.54 5.14 -15.04
C ALA B 52 -18.55 5.30 -13.93
N SER B 53 -19.76 5.64 -14.32
CA SER B 53 -20.81 5.85 -13.34
C SER B 53 -22.14 5.61 -14.04
N ILE B 54 -23.13 5.20 -13.27
CA ILE B 54 -24.46 5.09 -13.83
C ILE B 54 -25.43 5.85 -12.93
N SER B 55 -26.51 6.35 -13.51
CA SER B 55 -27.40 7.28 -12.83
C SER B 55 -28.70 6.61 -12.36
N PRO B 56 -29.13 6.89 -11.13
CA PRO B 56 -30.39 6.32 -10.65
C PRO B 56 -31.52 6.86 -11.48
N TYR B 57 -32.57 6.04 -11.65
CA TYR B 57 -33.80 6.40 -12.31
C TYR B 57 -33.66 6.53 -13.82
N SER B 58 -32.44 6.56 -14.36
CA SER B 58 -32.28 6.75 -15.80
C SER B 58 -31.33 5.78 -16.43
N GLY B 59 -30.41 5.19 -15.67
CA GLY B 59 -29.46 4.22 -16.18
C GLY B 59 -28.54 4.84 -17.20
N SER B 60 -28.47 6.17 -17.18
CA SER B 60 -27.52 6.94 -17.95
C SER B 60 -26.11 6.53 -17.56
N THR B 61 -25.26 6.20 -18.53
CA THR B 61 -23.90 5.80 -18.21
C THR B 61 -22.86 6.76 -18.77
N TYR B 62 -21.85 7.05 -17.94
CA TYR B 62 -20.84 8.06 -18.23
C TYR B 62 -19.46 7.44 -18.02
N TYR B 63 -18.59 7.60 -19.01
CA TYR B 63 -17.30 6.92 -19.00
C TYR B 63 -16.13 7.92 -18.99
N ALA B 64 -15.13 7.59 -18.18
CA ALA B 64 -13.78 8.07 -18.42
C ALA B 64 -13.41 7.86 -19.87
N ASP B 65 -12.66 8.80 -20.41
CA ASP B 65 -12.31 8.67 -21.81
C ASP B 65 -11.17 7.67 -22.04
N SER B 66 -10.43 7.29 -20.99
CA SER B 66 -9.35 6.33 -21.23
C SER B 66 -9.87 4.91 -21.39
N VAL B 67 -11.14 4.70 -21.11
CA VAL B 67 -11.77 3.40 -21.27
C VAL B 67 -12.94 3.44 -22.21
N LYS B 68 -13.28 4.59 -22.77
CA LYS B 68 -14.52 4.72 -23.51
C LYS B 68 -14.56 3.73 -24.66
N GLY B 69 -15.66 2.96 -24.73
CA GLY B 69 -15.85 1.89 -25.68
C GLY B 69 -15.16 0.57 -25.37
N ARG B 70 -14.33 0.49 -24.32
CA ARG B 70 -13.84 -0.80 -23.86
C ARG B 70 -14.43 -1.22 -22.53
N PHE B 71 -15.00 -0.29 -21.76
CA PHE B 71 -15.65 -0.64 -20.52
C PHE B 71 -17.14 -0.32 -20.60
N THR B 72 -17.92 -1.05 -19.83
CA THR B 72 -19.35 -0.78 -19.78
C THR B 72 -19.86 -0.97 -18.36
N ILE B 73 -20.58 0.01 -17.86
CA ILE B 73 -21.12 -0.04 -16.52
C ILE B 73 -22.61 -0.35 -16.63
N SER B 74 -23.19 -0.87 -15.53
CA SER B 74 -24.55 -1.40 -15.55
C SER B 74 -25.00 -1.70 -14.13
N ALA B 75 -26.30 -1.92 -13.94
CA ALA B 75 -26.72 -2.36 -12.61
C ALA B 75 -27.95 -3.24 -12.72
N ASP B 76 -28.03 -4.26 -11.86
CA ASP B 76 -29.22 -5.07 -11.69
C ASP B 76 -29.83 -4.67 -10.35
N THR B 77 -30.93 -3.92 -10.41
CA THR B 77 -31.69 -3.59 -9.21
C THR B 77 -31.98 -4.84 -8.38
N SER B 78 -32.62 -5.83 -9.00
CA SER B 78 -33.07 -7.01 -8.25
C SER B 78 -31.93 -7.59 -7.43
N LYS B 79 -30.78 -7.83 -8.07
CA LYS B 79 -29.62 -8.40 -7.41
C LYS B 79 -28.87 -7.37 -6.57
N ASN B 80 -29.32 -6.11 -6.52
CA ASN B 80 -28.64 -5.03 -5.81
C ASN B 80 -27.14 -5.11 -6.07
N THR B 81 -26.78 -5.37 -7.33
CA THR B 81 -25.40 -5.45 -7.79
C THR B 81 -25.19 -4.46 -8.93
N ALA B 82 -23.96 -3.94 -9.04
CA ALA B 82 -23.54 -3.16 -10.19
C ALA B 82 -22.31 -3.80 -10.84
N TYR B 83 -22.32 -3.86 -12.17
CA TYR B 83 -21.29 -4.56 -12.91
C TYR B 83 -20.43 -3.60 -13.72
N LEU B 84 -19.29 -4.14 -14.19
CA LEU B 84 -18.34 -3.37 -14.98
C LEU B 84 -17.62 -4.31 -15.93
N GLN B 85 -18.02 -4.31 -17.21
CA GLN B 85 -17.41 -5.21 -18.18
C GLN B 85 -16.22 -4.56 -18.84
N MET B 86 -15.03 -5.15 -18.64
CA MET B 86 -13.78 -4.60 -19.13
C MET B 86 -13.27 -5.47 -20.25
N ASN B 87 -13.35 -4.97 -21.49
CA ASN B 87 -12.82 -5.71 -22.62
C ASN B 87 -11.47 -5.16 -23.05
N SER B 88 -10.82 -5.89 -23.95
CA SER B 88 -9.59 -5.48 -24.64
C SER B 88 -8.62 -4.74 -23.71
N LEU B 89 -8.38 -5.33 -22.53
CA LEU B 89 -7.57 -4.69 -21.51
C LEU B 89 -6.12 -4.56 -21.98
N ARG B 90 -5.42 -3.54 -21.46
CA ARG B 90 -3.99 -3.31 -21.66
C ARG B 90 -3.31 -3.24 -20.32
N ALA B 91 -1.97 -3.22 -20.36
CA ALA B 91 -1.17 -3.31 -19.13
C ALA B 91 -1.59 -2.26 -18.11
N GLU B 92 -1.71 -1.00 -18.56
CA GLU B 92 -2.06 0.15 -17.71
C GLU B 92 -3.42 0.05 -17.03
N ASP B 93 -4.32 -0.81 -17.50
CA ASP B 93 -5.52 -1.16 -16.76
C ASP B 93 -5.24 -1.79 -15.39
N THR B 94 -4.01 -2.18 -15.12
CA THR B 94 -3.66 -2.73 -13.81
C THR B 94 -4.01 -1.74 -12.71
N ALA B 95 -4.70 -2.21 -11.67
CA ALA B 95 -5.12 -1.37 -10.54
C ALA B 95 -5.96 -2.17 -9.55
N VAL B 96 -6.13 -1.61 -8.35
CA VAL B 96 -7.30 -1.87 -7.51
C VAL B 96 -8.48 -1.06 -8.01
N TYR B 97 -9.59 -1.75 -8.36
CA TYR B 97 -10.79 -1.14 -8.92
C TYR B 97 -11.82 -1.03 -7.79
N TYR B 98 -12.07 0.19 -7.32
CA TYR B 98 -13.01 0.50 -6.23
C TYR B 98 -14.44 0.82 -6.72
N CYS B 99 -15.39 0.56 -5.83
CA CYS B 99 -16.82 0.79 -6.02
C CYS B 99 -17.29 1.81 -5.00
N ALA B 100 -18.02 2.83 -5.43
CA ALA B 100 -18.41 3.81 -4.43
C ALA B 100 -19.80 4.37 -4.68
N ARG B 101 -20.50 4.59 -3.57
CA ARG B 101 -21.84 5.18 -3.54
C ARG B 101 -21.77 6.70 -3.43
N GLN B 102 -22.23 7.41 -4.47
CA GLN B 102 -22.49 8.83 -4.33
C GLN B 102 -23.66 9.02 -3.37
N GLY B 103 -23.39 9.65 -2.22
CA GLY B 103 -24.36 9.76 -1.13
C GLY B 103 -25.64 10.47 -1.46
N TYR B 104 -26.52 10.60 -0.48
CA TYR B 104 -27.80 11.25 -0.72
C TYR B 104 -27.61 12.76 -0.64
N ARG B 105 -27.99 13.45 -1.73
CA ARG B 105 -27.72 14.89 -1.90
C ARG B 105 -27.99 15.73 -0.65
N ARG B 106 -29.08 15.47 0.05
CA ARG B 106 -29.39 16.28 1.23
C ARG B 106 -28.35 16.13 2.33
N ARG B 107 -27.63 15.01 2.36
CA ARG B 107 -26.68 14.65 3.41
C ARG B 107 -25.22 14.93 3.07
N SER B 108 -24.77 14.55 1.87
CA SER B 108 -23.35 14.62 1.54
C SER B 108 -23.11 15.19 0.15
N GLY B 109 -24.04 16.00 -0.36
CA GLY B 109 -23.89 16.51 -1.71
C GLY B 109 -23.49 15.45 -2.70
N ARG B 110 -22.56 15.79 -3.58
CA ARG B 110 -22.09 14.84 -4.58
C ARG B 110 -20.85 14.06 -4.11
N GLY B 111 -20.58 14.03 -2.81
CA GLY B 111 -19.47 13.24 -2.30
C GLY B 111 -19.74 11.76 -2.48
N PHE B 112 -18.66 10.96 -2.52
CA PHE B 112 -18.75 9.51 -2.56
C PHE B 112 -18.59 8.99 -1.12
N ASP B 113 -19.72 8.69 -0.46
CA ASP B 113 -19.69 8.53 0.99
C ASP B 113 -19.47 7.10 1.47
N TYR B 114 -19.54 6.09 0.60
CA TYR B 114 -19.11 4.76 1.01
C TYR B 114 -18.29 4.13 -0.11
N TRP B 115 -17.20 3.45 0.27
CA TRP B 115 -16.29 2.80 -0.65
C TRP B 115 -16.16 1.33 -0.27
N GLY B 116 -15.89 0.49 -1.25
CA GLY B 116 -15.51 -0.90 -1.00
C GLY B 116 -14.06 -0.99 -0.56
N GLN B 117 -13.53 -2.19 -0.53
CA GLN B 117 -12.11 -2.35 -0.29
C GLN B 117 -11.36 -2.55 -1.60
N GLY B 118 -12.08 -2.60 -2.70
CA GLY B 118 -11.52 -2.70 -4.05
C GLY B 118 -10.92 -4.04 -4.44
N THR B 119 -11.13 -4.46 -5.69
CA THR B 119 -10.56 -5.70 -6.19
C THR B 119 -9.41 -5.39 -7.14
N LEU B 120 -8.30 -6.11 -6.99
CA LEU B 120 -7.07 -5.83 -7.73
C LEU B 120 -7.00 -6.55 -9.07
N VAL B 121 -6.81 -5.78 -10.14
CA VAL B 121 -6.82 -6.25 -11.50
C VAL B 121 -5.41 -6.15 -12.08
N THR B 122 -4.94 -7.22 -12.69
CA THR B 122 -3.51 -7.39 -12.90
C THR B 122 -3.27 -7.80 -14.36
N VAL B 123 -3.34 -6.85 -15.28
CA VAL B 123 -3.21 -7.24 -16.68
C VAL B 123 -1.78 -7.54 -17.06
N SER B 124 -1.45 -8.82 -17.20
CA SER B 124 -0.13 -9.17 -17.72
C SER B 124 -0.16 -10.56 -18.31
N SER B 125 0.83 -10.86 -19.15
CA SER B 125 0.94 -12.19 -19.73
C SER B 125 1.74 -13.14 -18.86
N ALA B 126 2.61 -12.63 -18.00
CA ALA B 126 3.44 -13.50 -17.18
C ALA B 126 2.59 -14.35 -16.26
N SER B 127 3.01 -15.60 -16.06
CA SER B 127 2.13 -16.55 -15.42
C SER B 127 2.30 -16.55 -13.91
N THR B 128 1.27 -17.04 -13.19
CA THR B 128 1.25 -17.05 -11.72
C THR B 128 2.26 -18.05 -11.16
N LYS B 129 2.97 -17.64 -10.11
CA LYS B 129 3.84 -18.55 -9.40
C LYS B 129 3.64 -18.24 -7.92
N GLY B 130 3.83 -19.24 -7.08
CA GLY B 130 3.66 -19.07 -5.65
C GLY B 130 5.00 -18.98 -4.95
N PRO B 131 5.01 -18.41 -3.74
CA PRO B 131 6.28 -17.99 -3.14
C PRO B 131 6.97 -19.17 -2.47
N SER B 132 8.28 -19.32 -2.72
CA SER B 132 9.07 -20.06 -1.77
C SER B 132 9.18 -19.21 -0.51
N VAL B 133 9.05 -19.83 0.66
CA VAL B 133 9.04 -19.13 1.94
C VAL B 133 10.23 -19.62 2.73
N PHE B 134 11.13 -18.71 3.06
CA PHE B 134 12.30 -19.08 3.83
C PHE B 134 12.31 -18.39 5.20
N PRO B 135 13.01 -18.97 6.17
CA PRO B 135 12.97 -18.41 7.53
C PRO B 135 14.17 -17.55 7.85
N LEU B 136 13.89 -16.36 8.40
CA LEU B 136 14.94 -15.43 8.84
C LEU B 136 15.21 -15.65 10.32
N ALA B 137 16.21 -16.49 10.60
CA ALA B 137 16.47 -16.95 11.96
C ALA B 137 17.09 -15.84 12.82
N PRO B 138 16.76 -15.79 14.12
CA PRO B 138 17.35 -14.79 15.02
C PRO B 138 18.79 -15.10 15.44
N SER B 139 19.28 -14.34 16.41
CA SER B 139 20.67 -14.41 16.89
C SER B 139 20.77 -14.03 18.36
N SER B 140 21.95 -13.54 18.76
CA SER B 140 22.18 -12.96 20.08
C SER B 140 21.77 -11.49 20.02
N LYS B 141 22.20 -10.68 21.00
CA LYS B 141 22.00 -9.21 21.04
C LYS B 141 20.99 -8.58 20.06
N GLY B 146 17.72 -6.46 25.04
CA GLY B 146 17.13 -7.69 25.50
C GLY B 146 16.22 -8.34 24.47
N THR B 147 16.18 -7.73 23.28
CA THR B 147 15.32 -8.15 22.19
C THR B 147 16.11 -8.43 20.93
N ALA B 148 15.66 -9.42 20.16
CA ALA B 148 16.20 -9.70 18.84
C ALA B 148 15.05 -9.77 17.84
N ALA B 149 15.39 -10.07 16.58
CA ALA B 149 14.41 -10.08 15.50
C ALA B 149 14.53 -11.35 14.66
N LEU B 150 13.38 -11.83 14.20
CA LEU B 150 13.26 -12.99 13.33
C LEU B 150 12.16 -12.72 12.32
N GLY B 151 12.15 -13.47 11.22
CA GLY B 151 11.12 -13.27 10.24
C GLY B 151 11.04 -14.35 9.18
N CYS B 152 10.29 -14.05 8.13
CA CYS B 152 10.13 -14.94 7.01
C CYS B 152 10.49 -14.19 5.72
N LEU B 153 11.07 -14.91 4.76
CA LEU B 153 11.35 -14.35 3.44
C LEU B 153 10.41 -14.98 2.43
N VAL B 154 9.52 -14.16 1.87
CA VAL B 154 8.51 -14.56 0.89
C VAL B 154 9.09 -14.25 -0.49
N LYS B 155 9.62 -15.25 -1.17
CA LYS B 155 10.48 -15.01 -2.33
C LYS B 155 9.81 -15.47 -3.62
N ASP B 156 9.99 -14.66 -4.66
CA ASP B 156 9.76 -15.03 -6.07
C ASP B 156 8.34 -15.58 -6.31
N TYR B 157 7.36 -14.73 -6.04
CA TYR B 157 5.99 -15.06 -6.36
C TYR B 157 5.44 -14.03 -7.33
N PHE B 158 4.23 -14.29 -7.77
CA PHE B 158 3.45 -13.44 -8.65
C PHE B 158 2.06 -13.97 -8.91
N PRO B 159 1.06 -13.11 -9.03
CA PRO B 159 1.07 -11.67 -8.77
C PRO B 159 0.75 -11.34 -7.34
N GLU B 160 0.82 -10.07 -7.02
CA GLU B 160 0.38 -9.58 -5.73
C GLU B 160 -1.08 -9.96 -5.57
N PRO B 161 -1.56 -10.10 -4.35
CA PRO B 161 -0.85 -10.01 -3.08
C PRO B 161 -0.54 -11.34 -2.40
N VAL B 162 0.43 -11.30 -1.49
CA VAL B 162 0.52 -12.30 -0.45
C VAL B 162 0.07 -11.64 0.84
N THR B 163 -0.18 -12.50 1.83
CA THR B 163 -0.59 -12.08 3.15
C THR B 163 0.33 -12.81 4.10
N VAL B 164 0.80 -12.14 5.14
CA VAL B 164 1.58 -12.79 6.19
C VAL B 164 0.92 -12.50 7.52
N SER B 165 0.73 -13.55 8.31
CA SER B 165 0.37 -13.43 9.71
C SER B 165 1.31 -14.32 10.52
N TRP B 166 1.51 -13.96 11.78
CA TRP B 166 2.38 -14.71 12.68
C TRP B 166 1.54 -15.46 13.70
N ASN B 167 1.77 -16.78 13.75
CA ASN B 167 1.17 -17.65 14.75
C ASN B 167 -0.34 -17.71 14.55
N SER B 168 -0.75 -17.68 13.27
CA SER B 168 -2.16 -17.67 12.85
C SER B 168 -2.88 -16.38 13.28
N GLY B 169 -2.15 -15.26 13.31
CA GLY B 169 -2.72 -13.99 13.72
C GLY B 169 -2.64 -13.70 15.21
N ALA B 170 -2.20 -14.68 16.02
CA ALA B 170 -2.11 -14.43 17.46
C ALA B 170 -0.96 -13.49 17.79
N LEU B 171 0.08 -13.48 16.97
CA LEU B 171 1.21 -12.59 17.18
C LEU B 171 0.98 -11.43 16.21
N THR B 172 0.56 -10.29 16.75
CA THR B 172 0.33 -9.09 15.94
C THR B 172 1.27 -7.94 16.25
N SER B 173 1.77 -7.84 17.48
CA SER B 173 2.54 -6.67 17.89
C SER B 173 4.01 -6.79 17.49
N GLY B 174 4.58 -5.70 16.97
CA GLY B 174 5.98 -5.68 16.57
C GLY B 174 6.25 -6.21 15.18
N VAL B 175 5.23 -6.45 14.39
CA VAL B 175 5.37 -7.14 13.11
C VAL B 175 5.47 -6.10 12.01
N HIS B 176 6.49 -6.22 11.14
CA HIS B 176 6.60 -5.38 9.94
C HIS B 176 6.71 -6.23 8.69
N THR B 177 5.63 -6.30 7.91
CA THR B 177 5.65 -7.01 6.64
C THR B 177 5.97 -5.99 5.54
N PHE B 178 7.16 -6.08 4.99
CA PHE B 178 7.54 -5.05 4.06
C PHE B 178 6.77 -5.13 2.76
N PRO B 179 6.55 -4.00 2.10
CA PRO B 179 5.99 -4.02 0.76
C PRO B 179 6.88 -4.79 -0.20
N ALA B 180 6.23 -5.63 -1.01
CA ALA B 180 6.98 -6.34 -2.03
C ALA B 180 7.80 -5.36 -2.84
N VAL B 181 8.93 -5.81 -3.35
CA VAL B 181 9.60 -5.07 -4.39
C VAL B 181 9.62 -5.99 -5.59
N LEU B 182 9.86 -5.42 -6.75
CA LEU B 182 9.77 -6.14 -8.00
C LEU B 182 11.14 -6.69 -8.37
N GLN B 183 11.36 -7.98 -8.10
CA GLN B 183 12.56 -8.65 -8.60
C GLN B 183 12.70 -8.53 -10.11
N SER B 184 13.94 -8.56 -10.58
CA SER B 184 14.16 -8.37 -12.00
C SER B 184 13.64 -9.52 -12.81
N SER B 185 13.35 -10.64 -12.13
CA SER B 185 12.62 -11.75 -12.70
C SER B 185 11.18 -11.38 -13.04
N GLY B 186 10.75 -10.16 -12.75
CA GLY B 186 9.36 -9.81 -12.78
C GLY B 186 8.58 -10.32 -11.59
N LEU B 187 9.09 -11.31 -10.87
CA LEU B 187 8.38 -11.87 -9.73
C LEU B 187 8.43 -10.91 -8.56
N TYR B 188 7.72 -11.24 -7.51
CA TYR B 188 7.81 -10.47 -6.28
C TYR B 188 8.60 -11.20 -5.20
N SER B 189 9.31 -10.41 -4.42
CA SER B 189 9.89 -10.86 -3.17
C SER B 189 9.49 -9.87 -2.10
N LEU B 190 9.32 -10.38 -0.89
CA LEU B 190 9.20 -9.50 0.26
C LEU B 190 9.54 -10.33 1.49
N SER B 191 9.72 -9.65 2.60
CA SER B 191 10.01 -10.29 3.86
C SER B 191 9.22 -9.63 4.97
N SER B 192 8.89 -10.43 5.98
CA SER B 192 8.16 -9.98 7.16
C SER B 192 9.05 -10.26 8.36
N VAL B 193 8.96 -9.40 9.37
CA VAL B 193 9.81 -9.50 10.54
C VAL B 193 9.00 -9.08 11.75
N VAL B 194 9.24 -9.77 12.85
CA VAL B 194 8.71 -9.41 14.16
C VAL B 194 9.93 -9.33 15.08
N THR B 195 9.80 -8.52 16.13
CA THR B 195 10.79 -8.48 17.19
C THR B 195 10.18 -9.00 18.49
N VAL B 196 10.98 -9.78 19.23
CA VAL B 196 10.52 -10.44 20.44
C VAL B 196 11.67 -10.43 21.46
N PRO B 197 11.31 -10.38 22.74
CA PRO B 197 12.35 -10.48 23.78
C PRO B 197 13.09 -11.80 23.69
N SER B 198 14.42 -11.72 23.83
CA SER B 198 15.29 -12.87 23.55
C SER B 198 14.89 -14.11 24.33
N SER B 199 14.44 -13.93 25.57
CA SER B 199 14.07 -15.05 26.44
C SER B 199 13.12 -16.06 25.80
N SER B 200 12.08 -15.58 25.11
CA SER B 200 11.04 -16.45 24.53
C SER B 200 11.59 -17.45 23.53
N LEU B 201 12.79 -17.20 23.00
CA LEU B 201 13.44 -18.02 21.98
C LEU B 201 13.25 -19.53 22.15
N GLY B 202 13.69 -20.07 23.28
CA GLY B 202 13.69 -21.51 23.46
C GLY B 202 12.31 -22.11 23.66
N THR B 203 11.37 -21.31 24.18
CA THR B 203 10.06 -21.84 24.58
C THR B 203 8.92 -21.44 23.67
N GLN B 204 9.07 -20.42 22.83
CA GLN B 204 7.96 -19.86 22.08
C GLN B 204 8.04 -20.27 20.62
N THR B 205 7.07 -21.07 20.17
CA THR B 205 6.94 -21.43 18.78
C THR B 205 6.58 -20.20 17.96
N TYR B 206 7.26 -20.03 16.84
CA TYR B 206 7.07 -18.84 15.99
C TYR B 206 6.87 -19.32 14.56
N ILE B 207 5.64 -19.24 14.08
CA ILE B 207 5.30 -19.65 12.73
C ILE B 207 4.76 -18.42 12.01
N CYS B 208 5.27 -18.16 10.82
CA CYS B 208 4.60 -17.21 9.94
C CYS B 208 3.66 -17.99 9.04
N ASN B 209 2.56 -17.35 8.64
CA ASN B 209 1.55 -17.95 7.77
C ASN B 209 1.44 -17.12 6.50
N VAL B 210 1.71 -17.74 5.36
CA VAL B 210 1.87 -17.07 4.08
C VAL B 210 0.80 -17.60 3.13
N ASN B 211 -0.02 -16.70 2.59
CA ASN B 211 -1.14 -17.06 1.72
C ASN B 211 -1.01 -16.25 0.45
N HIS B 212 -0.92 -16.94 -0.66
CA HIS B 212 -0.94 -16.35 -1.99
C HIS B 212 -2.11 -16.93 -2.79
N LYS B 213 -3.29 -16.32 -2.63
CA LYS B 213 -4.48 -16.84 -3.31
C LYS B 213 -4.35 -16.98 -4.82
N PRO B 214 -3.71 -16.05 -5.57
CA PRO B 214 -3.64 -16.24 -7.03
C PRO B 214 -3.15 -17.61 -7.43
N SER B 215 -2.21 -18.16 -6.69
CA SER B 215 -1.71 -19.51 -6.90
C SER B 215 -2.49 -20.57 -6.14
N ASN B 216 -3.27 -20.15 -5.13
CA ASN B 216 -3.88 -21.04 -4.14
C ASN B 216 -2.83 -21.67 -3.24
N THR B 217 -1.80 -20.90 -2.92
CA THR B 217 -0.66 -21.37 -2.16
C THR B 217 -0.79 -20.88 -0.72
N LYS B 218 -0.85 -21.82 0.23
CA LYS B 218 -0.75 -21.50 1.65
C LYS B 218 0.44 -22.21 2.24
N VAL B 219 1.37 -21.46 2.84
CA VAL B 219 2.57 -22.00 3.45
C VAL B 219 2.65 -21.53 4.89
N ASP B 220 3.05 -22.42 5.78
CA ASP B 220 3.29 -22.09 7.18
C ASP B 220 4.73 -22.44 7.48
N LYS B 221 5.56 -21.46 7.81
CA LYS B 221 6.97 -21.71 8.04
C LYS B 221 7.26 -21.47 9.51
N LYS B 222 7.57 -22.55 10.23
CA LYS B 222 8.02 -22.39 11.61
C LYS B 222 9.41 -21.77 11.61
N VAL B 223 9.56 -20.69 12.35
CA VAL B 223 10.81 -19.95 12.43
C VAL B 223 11.42 -20.24 13.78
N GLU B 224 12.52 -20.96 13.78
CA GLU B 224 13.25 -21.34 14.98
C GLU B 224 14.63 -20.69 14.98
N PRO B 225 15.30 -20.63 16.14
CA PRO B 225 16.62 -19.96 16.22
C PRO B 225 17.72 -20.70 15.48
N LYS B 226 18.95 -20.23 15.61
CA LYS B 226 20.08 -20.98 15.07
C LYS B 226 20.07 -22.40 15.62
N SER B 227 20.18 -23.38 14.72
CA SER B 227 20.09 -24.78 15.15
C SER B 227 21.26 -25.15 16.06
N CYS B 228 22.48 -24.75 15.71
CA CYS B 228 23.63 -24.95 16.59
C CYS B 228 23.82 -23.71 17.46
N SER C 1 -14.19 18.90 -23.43
CA SER C 1 -12.89 19.14 -22.82
C SER C 1 -12.96 18.79 -21.33
N ASP C 2 -11.88 18.25 -20.78
CA ASP C 2 -11.90 17.78 -19.40
C ASP C 2 -11.46 18.86 -18.44
N ILE C 3 -12.28 19.13 -17.43
CA ILE C 3 -11.86 19.92 -16.29
C ILE C 3 -10.70 19.25 -15.59
N GLN C 4 -9.60 19.99 -15.41
CA GLN C 4 -8.39 19.49 -14.78
C GLN C 4 -8.40 19.90 -13.33
N MET C 5 -8.05 18.97 -12.44
CA MET C 5 -7.82 19.31 -11.04
C MET C 5 -6.34 19.23 -10.74
N THR C 6 -5.75 20.38 -10.48
CA THR C 6 -4.31 20.50 -10.34
C THR C 6 -4.11 20.80 -8.86
N GLN C 7 -3.58 19.84 -8.11
CA GLN C 7 -3.46 19.97 -6.67
C GLN C 7 -1.98 19.95 -6.28
N SER C 8 -1.61 20.85 -5.38
CA SER C 8 -0.28 20.93 -4.83
C SER C 8 -0.39 21.11 -3.32
N PRO C 9 0.65 20.77 -2.56
CA PRO C 9 1.91 20.15 -2.97
C PRO C 9 1.76 18.68 -3.32
N SER C 10 2.73 18.10 -4.01
CA SER C 10 2.71 16.66 -4.16
C SER C 10 2.81 15.98 -2.80
N SER C 11 3.47 16.63 -1.85
CA SER C 11 3.82 16.02 -0.58
C SER C 11 4.00 17.11 0.46
N LEU C 12 3.90 16.73 1.74
CA LEU C 12 3.90 17.69 2.85
C LEU C 12 4.37 16.98 4.09
N SER C 13 5.54 17.34 4.61
CA SER C 13 5.93 16.90 5.94
C SER C 13 5.66 18.02 6.91
N ALA C 14 5.12 17.69 8.08
CA ALA C 14 4.83 18.72 9.06
C ALA C 14 4.85 18.12 10.46
N SER C 15 4.88 19.01 11.44
CA SER C 15 4.86 18.64 12.84
C SER C 15 3.44 18.35 13.29
N VAL C 16 3.35 17.57 14.36
CA VAL C 16 2.07 17.38 15.03
C VAL C 16 1.60 18.73 15.55
N GLY C 17 0.34 19.06 15.30
CA GLY C 17 -0.17 20.34 15.77
C GLY C 17 0.15 21.52 14.88
N ASP C 18 0.68 21.29 13.69
CA ASP C 18 0.82 22.35 12.70
C ASP C 18 -0.51 22.60 11.98
N ARG C 19 -0.57 23.71 11.26
CA ARG C 19 -1.61 23.92 10.27
C ARG C 19 -1.11 23.51 8.90
N VAL C 20 -1.87 22.66 8.21
CA VAL C 20 -1.54 22.20 6.86
C VAL C 20 -2.63 22.64 5.89
N THR C 21 -2.23 23.27 4.79
CA THR C 21 -3.16 23.73 3.76
C THR C 21 -2.88 22.99 2.47
N ILE C 22 -3.89 22.31 1.93
CA ILE C 22 -3.78 21.68 0.62
C ILE C 22 -4.71 22.38 -0.34
N THR C 23 -4.22 22.65 -1.53
CA THR C 23 -4.87 23.52 -2.51
C THR C 23 -5.20 22.74 -3.78
N CYS C 24 -6.35 23.02 -4.37
CA CYS C 24 -6.68 22.42 -5.65
C CYS C 24 -7.29 23.49 -6.54
N ARG C 25 -6.90 23.50 -7.82
CA ARG C 25 -7.32 24.55 -8.75
C ARG C 25 -7.93 23.91 -10.00
N ALA C 26 -9.24 24.11 -10.16
CA ALA C 26 -10.02 23.52 -11.24
C ALA C 26 -9.86 24.33 -12.50
N SER C 27 -9.53 23.67 -13.61
CA SER C 27 -9.26 24.40 -14.85
C SER C 27 -10.47 25.21 -15.35
N GLN C 28 -11.67 24.93 -14.86
CA GLN C 28 -12.90 25.63 -15.22
C GLN C 28 -13.74 25.79 -13.97
N SER C 29 -14.69 26.71 -14.01
CA SER C 29 -15.57 26.88 -12.86
C SER C 29 -16.28 25.56 -12.61
N VAL C 30 -16.32 25.13 -11.35
CA VAL C 30 -16.97 23.86 -11.02
C VAL C 30 -17.95 24.12 -9.88
N SER C 31 -18.41 25.36 -9.80
CA SER C 31 -19.26 25.85 -8.71
C SER C 31 -18.63 25.40 -7.41
N SER C 32 -19.35 24.75 -6.52
CA SER C 32 -18.74 24.21 -5.31
C SER C 32 -18.82 22.70 -5.29
N ALA C 33 -18.89 22.08 -6.48
CA ALA C 33 -18.97 20.63 -6.64
C ALA C 33 -17.60 19.98 -6.45
N VAL C 34 -17.02 20.24 -5.29
CA VAL C 34 -15.70 19.75 -4.95
C VAL C 34 -15.82 19.06 -3.61
N ALA C 35 -15.15 17.91 -3.48
CA ALA C 35 -15.15 17.18 -2.23
C ALA C 35 -13.75 16.66 -1.97
N TRP C 36 -13.43 16.52 -0.68
CA TRP C 36 -12.09 16.19 -0.19
C TRP C 36 -12.10 14.84 0.50
N TYR C 37 -11.07 14.02 0.21
CA TYR C 37 -10.93 12.68 0.77
C TYR C 37 -9.60 12.45 1.47
N GLN C 38 -9.67 11.63 2.52
CA GLN C 38 -8.53 11.11 3.28
C GLN C 38 -8.36 9.62 2.98
N GLN C 39 -7.23 9.24 2.39
CA GLN C 39 -6.92 7.84 2.07
C GLN C 39 -5.62 7.45 2.74
N LYS C 40 -5.69 6.46 3.62
CA LYS C 40 -4.50 5.93 4.24
C LYS C 40 -4.07 4.66 3.52
N PRO C 41 -2.79 4.30 3.56
CA PRO C 41 -2.29 3.24 2.68
C PRO C 41 -3.15 1.98 2.75
N GLY C 42 -3.40 1.39 1.58
CA GLY C 42 -4.14 0.16 1.49
C GLY C 42 -5.59 0.23 1.91
N LYS C 43 -6.04 1.35 2.45
CA LYS C 43 -7.45 1.50 2.78
C LYS C 43 -8.16 2.24 1.67
N ALA C 44 -9.47 2.06 1.63
CA ALA C 44 -10.26 2.81 0.69
C ALA C 44 -10.39 4.25 1.17
N PRO C 45 -10.61 5.18 0.24
CA PRO C 45 -10.81 6.59 0.61
C PRO C 45 -11.95 6.79 1.59
N LYS C 46 -11.87 7.89 2.32
CA LYS C 46 -12.91 8.32 3.26
C LYS C 46 -13.26 9.79 2.97
N LEU C 47 -14.53 10.15 3.14
CA LEU C 47 -15.01 11.47 2.75
C LEU C 47 -14.82 12.46 3.90
N LEU C 48 -14.43 13.69 3.54
CA LEU C 48 -14.12 14.75 4.50
C LEU C 48 -14.98 15.99 4.32
N ILE C 49 -15.10 16.48 3.10
CA ILE C 49 -15.79 17.73 2.76
C ILE C 49 -16.54 17.41 1.46
N TYR C 50 -17.72 18.02 1.25
CA TYR C 50 -18.47 17.56 0.07
C TYR C 50 -19.07 18.66 -0.78
N SER C 51 -19.29 19.82 -0.23
CA SER C 51 -19.75 20.93 -1.03
C SER C 51 -18.74 22.06 -1.03
N ALA C 52 -17.46 21.67 -1.05
CA ALA C 52 -16.24 22.48 -0.99
C ALA C 52 -16.03 23.12 0.38
N SER C 53 -17.05 23.11 1.24
CA SER C 53 -16.96 23.74 2.54
C SER C 53 -17.70 23.00 3.62
N SER C 54 -18.35 21.89 3.31
CA SER C 54 -19.31 21.32 4.24
C SER C 54 -18.75 20.03 4.80
N LEU C 55 -18.65 19.98 6.13
CA LEU C 55 -17.93 18.90 6.82
C LEU C 55 -18.82 17.67 6.90
N TYR C 56 -18.34 16.56 6.35
CA TYR C 56 -19.14 15.34 6.29
C TYR C 56 -19.46 14.85 7.70
N SER C 57 -20.51 14.05 7.80
CA SER C 57 -20.94 13.53 9.10
C SER C 57 -19.80 12.78 9.76
N GLY C 58 -19.42 13.24 10.96
CA GLY C 58 -18.47 12.57 11.82
C GLY C 58 -17.01 12.98 11.65
N VAL C 59 -16.69 13.83 10.68
CA VAL C 59 -15.30 14.18 10.43
C VAL C 59 -14.87 15.16 11.52
N PRO C 60 -13.62 15.09 12.02
CA PRO C 60 -13.23 16.01 13.10
C PRO C 60 -13.31 17.46 12.65
N SER C 61 -13.62 18.35 13.61
CA SER C 61 -13.77 19.76 13.26
C SER C 61 -12.44 20.40 12.84
N ARG C 62 -11.32 19.72 13.07
CA ARG C 62 -10.04 20.30 12.64
C ARG C 62 -9.92 20.34 11.12
N PHE C 63 -10.80 19.67 10.38
CA PHE C 63 -10.84 19.70 8.93
C PHE C 63 -11.90 20.70 8.47
N SER C 64 -11.67 21.30 7.30
CA SER C 64 -12.59 22.29 6.76
C SER C 64 -12.23 22.59 5.31
N GLY C 65 -13.25 22.82 4.50
CA GLY C 65 -13.09 23.15 3.10
C GLY C 65 -13.37 24.62 2.88
N SER C 66 -13.06 25.07 1.67
CA SER C 66 -13.15 26.48 1.30
C SER C 66 -13.03 26.68 -0.19
N ARG C 67 -13.91 27.49 -0.76
CA ARG C 67 -13.77 27.86 -2.15
C ARG C 67 -13.36 29.31 -2.23
N SER C 68 -12.50 29.62 -3.20
CA SER C 68 -12.30 31.00 -3.64
C SER C 68 -12.10 30.96 -5.14
N GLY C 69 -13.17 31.28 -5.88
CA GLY C 69 -13.19 31.21 -7.34
C GLY C 69 -13.11 29.79 -7.81
N THR C 70 -12.07 29.46 -8.58
CA THR C 70 -11.76 28.08 -8.89
C THR C 70 -10.56 27.61 -8.08
N ASP C 71 -10.41 28.07 -6.84
CA ASP C 71 -9.37 27.58 -5.94
C ASP C 71 -10.02 27.02 -4.69
N PHE C 72 -9.77 25.73 -4.45
CA PHE C 72 -10.35 24.99 -3.34
C PHE C 72 -9.22 24.58 -2.41
N THR C 73 -9.48 24.66 -1.10
CA THR C 73 -8.42 24.53 -0.09
C THR C 73 -8.94 23.80 1.14
N LEU C 74 -8.40 22.62 1.38
CA LEU C 74 -8.63 21.88 2.62
C LEU C 74 -7.65 22.38 3.69
N THR C 75 -8.02 22.24 4.95
CA THR C 75 -7.29 22.97 5.99
C THR C 75 -7.45 22.26 7.33
N ILE C 76 -6.36 21.70 7.84
CA ILE C 76 -6.33 21.07 9.15
C ILE C 76 -5.68 22.05 10.13
N SER C 77 -6.46 22.57 11.10
CA SER C 77 -5.92 23.61 11.96
C SER C 77 -4.76 23.09 12.81
N SER C 78 -4.83 21.83 13.27
CA SER C 78 -3.79 21.25 14.12
C SER C 78 -3.63 19.79 13.76
N LEU C 79 -2.48 19.39 13.21
CA LEU C 79 -2.29 17.97 12.90
C LEU C 79 -2.31 17.11 14.15
N GLN C 80 -3.09 15.99 14.07
CA GLN C 80 -3.00 14.80 14.89
C GLN C 80 -2.17 13.75 14.15
N PRO C 81 -1.49 12.87 14.86
CA PRO C 81 -0.65 11.88 14.18
C PRO C 81 -1.40 11.01 13.20
N GLU C 82 -2.64 10.63 13.56
CA GLU C 82 -3.44 9.79 12.68
C GLU C 82 -3.66 10.44 11.32
N ASP C 83 -3.60 11.76 11.25
CA ASP C 83 -3.92 12.42 10.00
C ASP C 83 -2.93 12.08 8.88
N PHE C 84 -1.82 11.38 9.16
CA PHE C 84 -0.99 10.81 8.09
C PHE C 84 -1.89 10.18 7.04
N ALA C 85 -1.83 10.71 5.82
CA ALA C 85 -2.71 10.28 4.72
C ALA C 85 -2.29 10.98 3.43
N THR C 86 -2.63 10.34 2.30
CA THR C 86 -2.67 11.01 1.01
C THR C 86 -4.07 11.60 0.83
N TYR C 87 -4.13 12.91 0.56
CA TYR C 87 -5.38 13.64 0.39
C TYR C 87 -5.59 13.96 -1.08
N TYR C 88 -6.85 13.81 -1.52
CA TYR C 88 -7.30 14.05 -2.88
C TYR C 88 -8.45 15.07 -2.91
N CYS C 89 -8.42 15.94 -3.91
CA CYS C 89 -9.59 16.70 -4.30
C CYS C 89 -10.25 15.94 -5.45
N GLN C 90 -11.56 16.14 -5.57
CA GLN C 90 -12.36 15.65 -6.69
C GLN C 90 -13.34 16.71 -7.14
N GLN C 91 -13.50 16.82 -8.46
CA GLN C 91 -14.55 17.64 -9.05
C GLN C 91 -15.62 16.73 -9.61
N SER C 92 -16.87 17.02 -9.25
CA SER C 92 -18.07 16.29 -9.65
C SER C 92 -19.10 17.29 -10.16
N TYR C 93 -18.61 18.33 -10.82
CA TYR C 93 -19.49 19.29 -11.45
C TYR C 93 -19.77 18.92 -12.92
N SER C 94 -18.94 18.05 -13.52
CA SER C 94 -19.21 17.54 -14.88
C SER C 94 -18.77 16.08 -15.01
N PHE C 95 -18.89 15.59 -16.24
CA PHE C 95 -18.58 14.21 -16.62
C PHE C 95 -17.67 14.25 -17.84
N PRO C 96 -16.49 13.63 -17.78
CA PRO C 96 -15.91 12.82 -16.70
C PRO C 96 -15.59 13.54 -15.41
N SER C 97 -15.74 12.80 -14.32
CA SER C 97 -15.34 13.29 -13.02
C SER C 97 -13.81 13.32 -12.99
N THR C 98 -13.24 14.08 -12.04
CA THR C 98 -11.79 14.28 -12.05
C THR C 98 -11.24 14.43 -10.63
N PHE C 99 -10.11 13.77 -10.40
CA PHE C 99 -9.37 13.83 -9.15
C PHE C 99 -8.01 14.56 -9.27
N GLY C 100 -7.64 15.22 -8.18
CA GLY C 100 -6.29 15.71 -8.07
C GLY C 100 -5.30 14.56 -7.99
N GLN C 101 -4.03 14.87 -8.22
CA GLN C 101 -2.99 13.85 -8.14
C GLN C 101 -2.70 13.44 -6.70
N GLY C 102 -3.20 14.21 -5.73
CA GLY C 102 -3.16 13.84 -4.32
C GLY C 102 -1.91 14.33 -3.61
N THR C 103 -2.01 14.47 -2.29
CA THR C 103 -0.97 15.08 -1.46
C THR C 103 -0.62 14.20 -0.25
N LYS C 104 0.58 13.60 -0.27
CA LYS C 104 1.01 12.67 0.77
C LYS C 104 1.54 13.45 1.96
N VAL C 105 0.94 13.22 3.13
CA VAL C 105 1.28 13.92 4.37
C VAL C 105 2.14 13.03 5.25
N GLU C 106 3.07 13.64 6.00
CA GLU C 106 3.89 12.91 6.95
C GLU C 106 3.90 13.56 8.32
N ILE C 107 4.05 12.72 9.34
CA ILE C 107 4.18 13.10 10.73
C ILE C 107 5.59 13.65 10.90
N LYS C 108 5.87 14.31 12.03
CA LYS C 108 7.23 14.69 12.39
C LYS C 108 7.43 14.50 13.88
N ARG C 109 8.54 13.86 14.26
CA ARG C 109 8.85 13.52 15.65
C ARG C 109 10.33 13.78 15.90
N THR C 110 10.79 13.55 17.13
CA THR C 110 12.22 13.70 17.36
C THR C 110 12.97 12.63 16.57
N VAL C 111 14.28 12.61 16.63
CA VAL C 111 15.07 11.66 15.87
C VAL C 111 15.08 10.30 16.57
N ALA C 112 14.92 9.23 15.80
CA ALA C 112 15.09 7.88 16.32
C ALA C 112 16.09 7.12 15.46
N ALA C 113 17.17 6.67 16.09
CA ALA C 113 18.16 5.88 15.38
C ALA C 113 17.59 4.52 15.00
N PRO C 114 18.08 3.93 13.91
CA PRO C 114 17.60 2.61 13.52
C PRO C 114 18.18 1.52 14.43
N SER C 115 17.32 0.58 14.82
CA SER C 115 17.80 -0.72 15.27
C SER C 115 18.25 -1.50 14.04
N VAL C 116 19.39 -2.18 14.15
CA VAL C 116 19.96 -2.89 12.99
C VAL C 116 20.24 -4.35 13.32
N PHE C 117 19.80 -5.24 12.44
CA PHE C 117 20.11 -6.66 12.51
C PHE C 117 20.47 -7.12 11.11
N ILE C 118 21.14 -8.27 11.02
CA ILE C 118 21.48 -8.82 9.72
C ILE C 118 21.18 -10.31 9.75
N PHE C 119 20.64 -10.82 8.65
CA PHE C 119 20.16 -12.20 8.52
C PHE C 119 20.92 -12.95 7.44
N PRO C 120 21.57 -14.06 7.77
CA PRO C 120 22.26 -14.87 6.74
C PRO C 120 21.29 -15.83 6.06
N PRO C 121 21.47 -16.09 4.76
CA PRO C 121 20.47 -16.86 4.01
C PRO C 121 20.16 -18.22 4.62
N SER C 122 18.87 -18.56 4.60
CA SER C 122 18.39 -19.75 5.28
C SER C 122 18.90 -21.01 4.59
N ASP C 123 18.95 -22.10 5.37
CA ASP C 123 19.58 -23.31 4.86
C ASP C 123 18.77 -23.92 3.73
N GLU C 124 17.44 -23.81 3.80
CA GLU C 124 16.60 -24.30 2.72
C GLU C 124 16.92 -23.59 1.41
N GLN C 125 17.12 -22.28 1.48
CA GLN C 125 17.40 -21.49 0.29
C GLN C 125 18.66 -21.97 -0.41
N LEU C 126 19.77 -22.04 0.34
CA LEU C 126 21.05 -22.39 -0.26
C LEU C 126 20.98 -23.73 -0.97
N LYS C 127 20.12 -24.64 -0.51
CA LYS C 127 19.96 -25.90 -1.23
C LYS C 127 19.46 -25.67 -2.64
N SER C 128 18.50 -24.75 -2.80
CA SER C 128 17.95 -24.43 -4.11
C SER C 128 18.80 -23.44 -4.88
N GLY C 129 20.04 -23.21 -4.45
CA GLY C 129 21.03 -22.45 -5.18
C GLY C 129 20.91 -20.94 -5.07
N THR C 130 19.97 -20.43 -4.29
CA THR C 130 19.80 -18.99 -4.17
C THR C 130 20.34 -18.55 -2.82
N ALA C 131 20.67 -17.26 -2.72
CA ALA C 131 21.35 -16.77 -1.52
C ALA C 131 20.98 -15.31 -1.33
N SER C 132 20.02 -15.05 -0.44
CA SER C 132 19.60 -13.70 -0.08
C SER C 132 20.08 -13.37 1.31
N VAL C 133 20.77 -12.25 1.44
CA VAL C 133 21.18 -11.69 2.73
C VAL C 133 20.29 -10.48 3.00
N VAL C 134 19.69 -10.44 4.18
CA VAL C 134 18.74 -9.39 4.51
C VAL C 134 19.30 -8.55 5.65
N CYS C 135 19.11 -7.23 5.54
CA CYS C 135 19.52 -6.29 6.57
C CYS C 135 18.33 -5.42 6.94
N LEU C 136 18.10 -5.29 8.24
CA LEU C 136 16.90 -4.65 8.76
C LEU C 136 17.28 -3.42 9.58
N LEU C 137 16.63 -2.30 9.27
CA LEU C 137 16.75 -1.04 10.00
C LEU C 137 15.39 -0.77 10.61
N ASN C 138 15.27 -0.88 11.92
CA ASN C 138 13.97 -0.93 12.55
C ASN C 138 13.65 0.39 13.29
N ASN C 139 12.39 0.81 13.14
CA ASN C 139 11.74 1.84 13.95
C ASN C 139 12.59 3.10 14.11
N PHE C 140 12.99 3.65 12.98
CA PHE C 140 13.78 4.88 13.00
C PHE C 140 13.00 5.99 12.34
N TYR C 141 13.61 7.15 12.37
CA TYR C 141 13.12 8.43 11.90
C TYR C 141 14.20 9.49 12.06
N PRO C 142 14.40 10.34 11.05
CA PRO C 142 13.68 10.42 9.75
C PRO C 142 14.11 9.40 8.71
N ARG C 143 13.30 9.14 7.69
CA ARG C 143 13.47 7.90 6.93
C ARG C 143 14.71 7.92 6.09
N GLU C 144 15.28 9.09 5.89
CA GLU C 144 16.42 9.19 5.00
C GLU C 144 17.59 8.44 5.58
N ALA C 145 17.94 7.32 4.96
CA ALA C 145 18.99 6.46 5.46
C ALA C 145 19.78 5.93 4.29
N LYS C 146 21.01 5.53 4.58
CA LYS C 146 21.97 5.05 3.59
C LYS C 146 22.48 3.70 4.06
N VAL C 147 22.15 2.65 3.32
CA VAL C 147 22.59 1.29 3.61
C VAL C 147 23.64 0.91 2.58
N GLN C 148 24.71 0.27 3.04
CA GLN C 148 25.81 -0.11 2.18
C GLN C 148 26.24 -1.52 2.52
N TRP C 149 26.28 -2.37 1.51
CA TRP C 149 26.71 -3.76 1.66
C TRP C 149 28.20 -3.85 1.35
N LYS C 150 28.95 -4.52 2.22
CA LYS C 150 30.34 -4.84 1.94
C LYS C 150 30.55 -6.34 2.08
N VAL C 151 31.07 -6.95 1.03
CA VAL C 151 31.34 -8.37 0.97
C VAL C 151 32.85 -8.53 1.00
N ASP C 152 33.36 -9.00 2.13
CA ASP C 152 34.81 -9.07 2.35
C ASP C 152 35.42 -7.69 2.16
N ASN C 153 34.69 -6.67 2.63
CA ASN C 153 35.12 -5.28 2.61
C ASN C 153 35.17 -4.73 1.19
N ALA C 154 34.36 -5.31 0.31
CA ALA C 154 34.13 -4.81 -1.03
C ALA C 154 32.75 -4.17 -1.05
N LEU C 155 32.68 -2.86 -1.25
CA LEU C 155 31.37 -2.23 -1.40
C LEU C 155 30.69 -2.85 -2.61
N GLN C 156 29.46 -3.33 -2.41
CA GLN C 156 28.66 -3.87 -3.50
C GLN C 156 27.91 -2.72 -4.19
N SER C 157 27.34 -3.02 -5.34
CA SER C 157 26.60 -1.99 -6.09
C SER C 157 25.73 -2.64 -7.15
N GLY C 158 24.42 -2.33 -7.11
CA GLY C 158 23.49 -2.87 -8.07
C GLY C 158 22.95 -4.25 -7.77
N ASN C 159 23.23 -4.80 -6.59
CA ASN C 159 22.72 -6.11 -6.23
C ASN C 159 21.93 -6.08 -4.94
N SER C 160 21.57 -4.89 -4.47
CA SER C 160 20.72 -4.74 -3.30
C SER C 160 19.41 -4.10 -3.72
N GLN C 161 18.34 -4.44 -2.99
CA GLN C 161 17.05 -3.81 -3.14
C GLN C 161 16.47 -3.58 -1.77
N GLU C 162 15.77 -2.47 -1.59
CA GLU C 162 15.21 -2.19 -0.28
C GLU C 162 13.75 -1.78 -0.43
N SER C 163 12.96 -2.03 0.61
CA SER C 163 11.63 -1.44 0.68
C SER C 163 11.42 -0.92 2.09
N VAL C 164 10.46 0.01 2.21
CA VAL C 164 10.27 0.78 3.43
C VAL C 164 8.81 0.73 3.84
N THR C 165 8.57 0.60 5.13
CA THR C 165 7.22 0.66 5.66
C THR C 165 6.73 2.10 5.65
N GLU C 166 5.42 2.26 5.74
CA GLU C 166 4.88 3.59 5.94
C GLU C 166 5.13 4.04 7.37
N GLN C 167 4.67 5.23 7.67
CA GLN C 167 4.85 5.74 9.02
C GLN C 167 3.89 5.03 9.94
N ASP C 168 4.41 4.28 10.90
CA ASP C 168 3.54 3.71 11.90
C ASP C 168 2.84 4.87 12.60
N SER C 169 1.54 4.99 12.36
CA SER C 169 0.82 6.20 12.77
C SER C 169 0.84 6.38 14.28
N LYS C 170 0.92 5.29 15.03
CA LYS C 170 1.18 5.41 16.46
C LYS C 170 2.63 5.80 16.74
N ASP C 171 3.58 5.14 16.07
CA ASP C 171 5.00 5.37 16.31
C ASP C 171 5.50 6.66 15.65
N SER C 172 4.99 6.95 14.45
CA SER C 172 5.52 7.99 13.57
C SER C 172 6.94 7.70 13.13
N THR C 173 7.26 6.42 12.92
CA THR C 173 8.59 5.99 12.49
C THR C 173 8.48 5.03 11.29
N TYR C 174 9.64 4.52 10.89
CA TYR C 174 9.86 3.81 9.63
C TYR C 174 10.69 2.57 9.90
N SER C 175 10.64 1.61 8.97
CA SER C 175 11.52 0.44 9.00
C SER C 175 11.94 0.11 7.59
N LEU C 176 13.16 -0.40 7.43
CA LEU C 176 13.67 -0.66 6.08
C LEU C 176 14.35 -2.02 6.01
N SER C 177 14.22 -2.67 4.87
CA SER C 177 14.73 -4.01 4.67
C SER C 177 15.50 -4.01 3.36
N SER C 178 16.81 -3.94 3.48
CA SER C 178 17.70 -3.98 2.33
C SER C 178 18.17 -5.42 2.14
N THR C 179 18.02 -5.94 0.93
CA THR C 179 18.24 -7.35 0.62
C THR C 179 19.29 -7.49 -0.48
N LEU C 180 20.46 -8.04 -0.12
CA LEU C 180 21.52 -8.38 -1.06
C LEU C 180 21.25 -9.76 -1.64
N THR C 181 21.40 -9.90 -2.96
CA THR C 181 21.09 -11.18 -3.59
C THR C 181 22.18 -11.64 -4.55
N LEU C 182 22.53 -12.92 -4.43
CA LEU C 182 23.63 -13.54 -5.14
C LEU C 182 23.29 -14.97 -5.50
N SER C 183 24.01 -15.47 -6.50
CA SER C 183 24.09 -16.89 -6.74
C SER C 183 24.76 -17.59 -5.56
N LYS C 184 24.39 -18.86 -5.35
CA LYS C 184 25.03 -19.66 -4.31
C LYS C 184 26.54 -19.68 -4.50
N ALA C 185 27.00 -19.73 -5.75
CA ALA C 185 28.43 -19.73 -6.02
C ALA C 185 29.07 -18.43 -5.55
N ASP C 186 28.47 -17.28 -5.90
CA ASP C 186 29.03 -16.01 -5.44
C ASP C 186 29.00 -15.90 -3.93
N TYR C 187 27.98 -16.46 -3.29
CA TYR C 187 27.92 -16.42 -1.85
C TYR C 187 29.06 -17.21 -1.22
N GLU C 188 29.31 -18.42 -1.71
CA GLU C 188 30.33 -19.28 -1.12
C GLU C 188 31.76 -18.79 -1.40
N LYS C 189 31.92 -17.64 -2.04
CA LYS C 189 33.24 -17.11 -2.37
C LYS C 189 33.79 -16.19 -1.30
N HIS C 190 32.97 -15.78 -0.32
CA HIS C 190 33.35 -14.72 0.59
C HIS C 190 32.92 -15.08 2.01
N LYS C 191 33.76 -14.71 2.98
CA LYS C 191 33.50 -15.02 4.37
C LYS C 191 32.58 -13.97 5.00
N VAL C 192 32.98 -12.71 4.91
CA VAL C 192 32.37 -11.63 5.68
C VAL C 192 31.30 -10.91 4.85
N TYR C 193 30.10 -10.82 5.42
CA TYR C 193 29.01 -10.06 4.83
C TYR C 193 28.59 -8.99 5.82
N ALA C 194 28.68 -7.72 5.42
CA ALA C 194 28.47 -6.59 6.32
C ALA C 194 27.57 -5.54 5.69
N CYS C 195 26.76 -4.92 6.53
CA CYS C 195 25.65 -4.03 6.17
C CYS C 195 25.85 -2.69 6.88
N GLU C 196 26.18 -1.64 6.13
CA GLU C 196 26.64 -0.41 6.77
C GLU C 196 25.59 0.68 6.71
N VAL C 197 25.01 1.00 7.88
CA VAL C 197 23.88 1.90 8.01
C VAL C 197 24.41 3.27 8.40
N THR C 198 23.99 4.31 7.69
CA THR C 198 24.27 5.67 8.10
C THR C 198 22.94 6.35 8.34
N HIS C 199 22.76 6.90 9.54
CA HIS C 199 21.51 7.59 9.82
C HIS C 199 21.81 8.77 10.72
N GLN C 200 20.91 9.74 10.69
CA GLN C 200 21.11 10.96 11.46
C GLN C 200 21.16 10.69 12.95
N GLY C 201 20.31 9.77 13.44
CA GLY C 201 20.36 9.43 14.84
C GLY C 201 21.64 8.74 15.27
N LEU C 202 22.39 8.19 14.32
CA LEU C 202 23.63 7.49 14.62
C LEU C 202 24.79 8.44 14.41
N SER C 203 25.51 8.76 15.49
CA SER C 203 26.69 9.60 15.37
C SER C 203 27.80 8.90 14.61
N SER C 204 27.69 7.58 14.41
CA SER C 204 28.70 6.79 13.73
C SER C 204 28.04 5.65 12.97
N PRO C 205 28.53 5.34 11.78
CA PRO C 205 27.88 4.30 10.95
C PRO C 205 27.92 2.93 11.60
N VAL C 206 26.75 2.40 11.89
CA VAL C 206 26.61 1.10 12.56
C VAL C 206 26.70 -0.03 11.55
N THR C 207 27.55 -1.01 11.84
CA THR C 207 27.69 -2.20 11.00
C THR C 207 27.40 -3.44 11.82
N LYS C 208 26.34 -4.16 11.45
CA LYS C 208 26.19 -5.56 11.83
C LYS C 208 26.75 -6.41 10.71
N SER C 209 27.27 -7.59 11.05
CA SER C 209 27.90 -8.46 10.05
C SER C 209 28.00 -9.87 10.60
N PHE C 210 28.35 -10.79 9.70
CA PHE C 210 28.54 -12.19 10.03
C PHE C 210 29.61 -12.80 9.13
N ASN C 211 30.14 -13.93 9.58
CA ASN C 211 30.98 -14.80 8.75
C ASN C 211 30.16 -15.98 8.25
N ARG C 212 30.41 -16.38 7.01
CA ARG C 212 29.81 -17.59 6.46
C ARG C 212 30.22 -18.79 7.28
N GLY C 213 29.29 -19.43 8.00
CA GLY C 213 29.53 -20.71 8.64
C GLY C 213 29.40 -20.70 10.15
N GLU C 214 29.70 -19.57 10.80
CA GLU C 214 29.69 -19.52 12.26
C GLU C 214 28.32 -19.89 12.82
N CYS C 215 28.33 -20.78 13.80
CA CYS C 215 27.10 -21.38 14.32
C CYS C 215 26.34 -20.46 15.26
#